data_9CCU
#
_entry.id   9CCU
#
_cell.length_a   1.00
_cell.length_b   1.00
_cell.length_c   1.00
_cell.angle_alpha   90.00
_cell.angle_beta   90.00
_cell.angle_gamma   90.00
#
_symmetry.space_group_name_H-M   'P 1'
#
loop_
_entity.id
_entity.type
_entity.pdbx_description
1 polymer 'Type 1 fimbiral adhesin FimH'
2 polymer 'F7 Fab light chain'
3 polymer 'F7 Fab heavy chain'
#
loop_
_entity_poly.entity_id
_entity_poly.type
_entity_poly.pdbx_seq_one_letter_code
_entity_poly.pdbx_strand_id
1 'polypeptide(L)'
;FACKTANGTAIPIGGGSANVYVNLAPAVNVGQNLVVDLSTQIFCHNDYPETITDYVTLQRGAAYGGVLSSFSGTVKYNGS
SYPFPTTSETPRVVYNSRTDKPWPVALYLTPVSSAGGVAIKAGSLIAVLILRQTNNYNSDDFQFVWNIYANNDVVVPTGG
CDVSARDVTVTLPDYPGSVPIPLTVYCAKSQNLGYYLSGTTADAGNSIFTNTASFSPAQGVGVQLTRNGTIIPANNTVSL
GAVGTSAVSLGLTANYARTGGQVTAGNVQSIIGVTFVYQ
;
A
2 'polypeptide(L)'
;TGVHSQIVLTQSPALMAASPGEKVTITCSVSSSIGSSNLHWYQQKSETSPKPWIYGTSNLASGVPVRFSGSGSGTSYSLT
ISSMEAEDAATYYCQQWSTYPYTFGGGTKLEIKRTVAAPSVFIFPPSDEQLKSGTASVVCLLNNFYPREAKVQWKVDNAL
QSGNSQESVTEQDSKDSTYSLSSTLTLSKADYEKHKVYACEVTHQGLSSPVTKSFNRGEC
;
B
3 'polypeptide(L)'
;TGVHSEVQLQQPGPVLVKPGPSVKISCKASGFTFTDYFIHWVKQSHGKSLEWIGLVSPYNGGTYYNQQFKGKATLTVDTS
SSTAYMDLNSLTSEDSAVYYCTRLLRGYWYFDVWGTGTTVTVSSASTKGPSVFPLAPSSKSTSGGTAALGCLVKDYFPEP
VTVSWNSGALTSGVHTFPAVLQSSGLYSLSSVVTVPSSSLGTQTYICNVNHKPSNTKVDKKVEPKSCRSLVPRGSSGHHH
HHH
;
C
#
# COMPACT_ATOMS: atom_id res chain seq x y z
N PHE A 1 32.72 35.50 12.90
CA PHE A 1 32.79 34.89 11.58
C PHE A 1 31.49 34.14 11.26
N ALA A 2 30.92 34.47 10.11
CA ALA A 2 29.56 34.05 9.77
C ALA A 2 29.47 32.55 9.59
N CYS A 3 28.39 31.97 10.11
CA CYS A 3 28.09 30.55 10.01
C CYS A 3 26.91 30.33 9.06
N LYS A 4 26.47 29.08 8.96
CA LYS A 4 25.34 28.71 8.12
C LYS A 4 24.76 27.41 8.66
N THR A 5 23.72 26.91 7.99
CA THR A 5 23.08 25.68 8.40
C THR A 5 22.71 24.86 7.16
N ALA A 6 21.90 23.83 7.38
CA ALA A 6 21.42 23.02 6.26
C ALA A 6 20.37 23.77 5.46
N ASN A 7 19.53 24.55 6.13
CA ASN A 7 18.54 25.36 5.43
C ASN A 7 19.17 26.55 4.73
N GLY A 8 20.41 26.90 5.08
CA GLY A 8 21.08 28.04 4.52
C GLY A 8 20.74 29.37 5.17
N THR A 9 19.89 29.38 6.20
CA THR A 9 19.45 30.60 6.87
C THR A 9 19.98 30.59 8.30
N ALA A 10 20.89 31.51 8.59
CA ALA A 10 21.55 31.56 9.90
C ALA A 10 21.84 33.03 10.22
N ILE A 11 22.74 33.26 11.17
CA ILE A 11 22.96 34.61 11.69
C ILE A 11 24.25 35.21 11.14
N PRO A 12 24.34 36.55 11.03
CA PRO A 12 25.55 37.16 10.48
C PRO A 12 26.60 37.48 11.54
N ILE A 13 27.67 38.14 11.11
CA ILE A 13 28.80 38.42 11.99
C ILE A 13 28.35 39.34 13.12
N GLY A 14 28.70 38.97 14.35
CA GLY A 14 28.37 39.73 15.54
C GLY A 14 27.52 38.95 16.53
N GLY A 15 26.66 38.09 16.04
CA GLY A 15 25.81 37.31 16.90
C GLY A 15 24.45 37.09 16.25
N GLY A 16 23.47 36.81 17.10
CA GLY A 16 22.12 36.53 16.67
C GLY A 16 21.68 35.14 17.07
N SER A 17 20.47 34.79 16.65
CA SER A 17 19.87 33.49 16.90
C SER A 17 19.20 32.99 15.64
N ALA A 18 19.23 31.68 15.43
CA ALA A 18 18.66 31.06 14.25
C ALA A 18 17.90 29.80 14.62
N ASN A 19 17.15 29.28 13.66
CA ASN A 19 16.42 28.02 13.81
C ASN A 19 16.94 27.03 12.78
N VAL A 20 17.21 25.80 13.22
CA VAL A 20 17.76 24.76 12.36
C VAL A 20 16.88 23.52 12.47
N TYR A 21 16.35 23.06 11.34
CA TYR A 21 15.48 21.89 11.30
C TYR A 21 16.30 20.66 10.97
N VAL A 22 16.25 19.66 11.83
CA VAL A 22 17.01 18.42 11.65
C VAL A 22 16.06 17.25 11.60
N ASN A 23 16.47 16.19 10.92
CA ASN A 23 15.70 14.96 10.80
C ASN A 23 16.29 13.88 11.68
N LEU A 24 15.44 13.24 12.47
CA LEU A 24 15.84 12.24 13.44
C LEU A 24 15.36 10.85 13.01
N ALA A 25 15.60 9.87 13.88
CA ALA A 25 15.24 8.45 13.71
C ALA A 25 13.90 8.18 14.36
N PRO A 26 12.92 7.64 13.62
CA PRO A 26 11.57 7.50 14.17
C PRO A 26 11.50 6.61 15.39
N ALA A 27 12.33 5.58 15.46
CA ALA A 27 12.33 4.67 16.60
C ALA A 27 13.77 4.37 16.96
N VAL A 28 14.07 4.46 18.25
CA VAL A 28 15.36 4.05 18.80
C VAL A 28 15.09 3.35 20.12
N ASN A 29 15.33 2.05 20.16
CA ASN A 29 15.10 1.30 21.39
C ASN A 29 16.07 1.72 22.47
N VAL A 30 15.62 1.61 23.72
CA VAL A 30 16.48 1.99 24.84
C VAL A 30 17.74 1.15 24.81
N GLY A 31 18.88 1.82 24.86
CA GLY A 31 20.10 1.18 24.40
C GLY A 31 20.64 1.89 23.17
N GLN A 32 20.46 1.28 22.00
CA GLN A 32 20.94 1.85 20.74
C GLN A 32 20.49 3.30 20.61
N ASN A 33 21.43 4.17 20.26
CA ASN A 33 21.23 5.60 20.40
C ASN A 33 21.41 6.30 19.06
N LEU A 34 20.53 7.27 18.81
CA LEU A 34 20.53 8.02 17.55
C LEU A 34 21.48 9.20 17.64
N VAL A 35 22.29 9.37 16.61
CA VAL A 35 23.25 10.46 16.53
C VAL A 35 22.54 11.66 15.90
N VAL A 36 22.31 12.71 16.68
CA VAL A 36 21.85 13.95 16.10
C VAL A 36 23.04 14.56 15.39
N ASP A 37 23.12 14.35 14.08
CA ASP A 37 24.31 14.73 13.31
C ASP A 37 24.18 16.19 12.90
N LEU A 38 24.42 17.08 13.87
CA LEU A 38 24.54 18.49 13.53
C LEU A 38 25.75 18.76 12.66
N SER A 39 26.71 17.82 12.63
CA SER A 39 27.91 18.00 11.81
C SER A 39 27.55 18.09 10.33
N THR A 40 26.52 17.37 9.90
CA THR A 40 26.00 17.54 8.56
C THR A 40 25.08 18.76 8.43
N GLN A 41 24.66 19.33 9.56
CA GLN A 41 23.73 20.46 9.55
C GLN A 41 24.43 21.81 9.60
N ILE A 42 25.20 22.06 10.65
CA ILE A 42 25.77 23.38 10.91
C ILE A 42 27.16 23.44 10.32
N PHE A 43 27.53 24.61 9.82
CA PHE A 43 28.86 24.83 9.26
C PHE A 43 29.25 26.28 9.49
N CYS A 44 30.55 26.53 9.57
CA CYS A 44 31.05 27.88 9.77
C CYS A 44 32.46 27.99 9.23
N HIS A 45 32.87 29.23 8.98
CA HIS A 45 34.12 29.51 8.30
C HIS A 45 34.67 30.85 8.75
N ASN A 46 35.99 30.96 8.74
CA ASN A 46 36.65 32.21 9.10
C ASN A 46 36.41 33.24 8.00
N ASP A 47 35.58 34.24 8.29
CA ASP A 47 35.35 35.30 7.32
C ASP A 47 36.58 36.19 7.16
N TYR A 48 37.43 36.24 8.18
CA TYR A 48 38.66 37.05 8.16
C TYR A 48 39.88 36.16 8.39
N PRO A 49 40.46 35.63 7.30
CA PRO A 49 41.50 34.60 7.44
C PRO A 49 42.91 35.12 7.66
N GLU A 50 43.88 34.20 7.56
CA GLU A 50 45.31 34.47 7.61
C GLU A 50 45.77 35.00 8.96
N THR A 51 45.98 36.32 9.06
CA THR A 51 46.61 36.90 10.23
C THR A 51 45.80 36.75 11.51
N ILE A 52 44.50 36.48 11.41
CA ILE A 52 43.64 36.37 12.58
C ILE A 52 43.17 34.93 12.69
N THR A 53 43.68 34.22 13.68
CA THR A 53 43.37 32.82 13.88
C THR A 53 42.07 32.72 14.66
N ASP A 54 41.05 32.16 14.03
CA ASP A 54 39.73 32.10 14.63
C ASP A 54 39.69 31.09 15.76
N TYR A 55 38.96 31.41 16.82
CA TYR A 55 38.75 30.51 17.95
C TYR A 55 37.27 30.40 18.23
N VAL A 56 36.74 29.18 18.12
CA VAL A 56 35.30 28.91 18.21
C VAL A 56 35.08 27.89 19.31
N THR A 57 34.11 28.15 20.18
CA THR A 57 33.86 27.29 21.33
C THR A 57 32.35 27.09 21.47
N LEU A 58 31.97 26.03 22.17
CA LEU A 58 30.58 25.78 22.52
C LEU A 58 30.39 26.18 23.98
N GLN A 59 30.05 27.44 24.21
CA GLN A 59 29.85 27.91 25.59
C GLN A 59 28.72 27.15 26.27
N ARG A 60 27.50 27.33 25.77
CA ARG A 60 26.32 26.78 26.40
C ARG A 60 25.58 25.89 25.42
N GLY A 61 25.26 24.69 25.85
CA GLY A 61 24.34 23.83 25.14
C GLY A 61 23.31 23.28 26.11
N ALA A 62 22.06 23.65 25.92
CA ALA A 62 21.00 23.28 26.85
C ALA A 62 19.96 22.42 26.15
N ALA A 63 19.32 21.57 26.94
CA ALA A 63 18.32 20.63 26.43
C ALA A 63 17.03 20.83 27.20
N TYR A 64 16.02 21.39 26.54
CA TYR A 64 14.72 21.57 27.16
C TYR A 64 13.66 21.33 26.08
N GLY A 65 12.41 21.65 26.42
CA GLY A 65 11.31 21.38 25.51
C GLY A 65 10.91 19.92 25.54
N GLY A 66 11.25 19.19 24.48
CA GLY A 66 10.95 17.77 24.41
C GLY A 66 12.05 16.91 24.98
N VAL A 67 13.30 17.22 24.63
CA VAL A 67 14.44 16.41 25.03
C VAL A 67 14.62 16.36 26.54
N LEU A 68 14.29 17.43 27.24
CA LEU A 68 14.41 17.42 28.71
C LEU A 68 13.59 16.31 29.35
N SER A 69 12.50 15.89 28.68
CA SER A 69 11.70 14.77 29.15
C SER A 69 11.73 13.60 28.17
N SER A 70 12.74 13.55 27.31
CA SER A 70 12.80 12.53 26.27
C SER A 70 14.26 12.23 25.96
N PHE A 71 14.50 11.73 24.74
CA PHE A 71 15.81 11.37 24.20
C PHE A 71 16.87 12.41 24.54
N SER A 72 17.84 12.05 25.39
CA SER A 72 18.74 13.04 25.98
C SER A 72 19.98 12.36 26.56
N GLY A 73 21.16 12.83 26.15
CA GLY A 73 22.40 12.19 26.53
C GLY A 73 23.55 13.15 26.77
N THR A 74 24.68 12.90 26.11
CA THR A 74 25.87 13.73 26.17
C THR A 74 26.08 14.46 24.83
N VAL A 75 27.16 15.22 24.75
CA VAL A 75 27.49 15.98 23.56
C VAL A 75 28.93 15.72 23.20
N LYS A 76 29.17 15.35 21.95
CA LYS A 76 30.50 15.00 21.47
C LYS A 76 31.07 16.19 20.71
N TYR A 77 32.16 16.76 21.24
CA TYR A 77 32.89 17.86 20.63
C TYR A 77 34.28 17.36 20.27
N ASN A 78 34.54 17.23 18.96
CA ASN A 78 35.85 16.81 18.44
C ASN A 78 36.31 15.51 19.09
N GLY A 79 35.38 14.58 19.25
CA GLY A 79 35.66 13.29 19.87
C GLY A 79 35.45 13.28 21.36
N SER A 80 35.78 14.36 22.04
CA SER A 80 35.66 14.41 23.49
C SER A 80 34.19 14.60 23.87
N SER A 81 33.67 13.69 24.67
CA SER A 81 32.29 13.80 25.13
C SER A 81 32.24 14.67 26.38
N TYR A 82 31.11 15.33 26.55
CA TYR A 82 30.83 16.13 27.75
C TYR A 82 29.38 15.93 28.15
N PRO A 83 29.07 16.01 29.43
CA PRO A 83 27.67 15.87 29.86
C PRO A 83 26.79 16.96 29.26
N PHE A 84 25.60 16.55 28.84
CA PHE A 84 24.64 17.46 28.24
C PHE A 84 23.37 17.48 29.07
N PRO A 85 22.78 18.66 29.37
CA PRO A 85 23.15 20.01 28.92
C PRO A 85 24.51 20.49 29.43
N THR A 86 25.17 21.37 28.67
CA THR A 86 26.54 21.76 28.98
C THR A 86 26.61 22.53 30.29
N THR A 87 27.22 21.92 31.30
CA THR A 87 27.40 22.56 32.60
C THR A 87 28.64 23.44 32.67
N SER A 88 29.48 23.42 31.64
CA SER A 88 30.71 24.20 31.65
C SER A 88 31.13 24.46 30.21
N GLU A 89 32.02 25.44 30.06
CA GLU A 89 32.59 25.75 28.75
C GLU A 89 33.42 24.57 28.25
N THR A 90 33.24 24.22 26.99
CA THR A 90 33.96 23.10 26.41
C THR A 90 35.38 23.53 26.05
N PRO A 91 36.32 22.58 25.98
CA PRO A 91 37.64 22.88 25.45
C PRO A 91 37.57 23.43 24.03
N ARG A 92 38.42 24.41 23.77
CA ARG A 92 38.34 25.22 22.56
C ARG A 92 38.78 24.43 21.34
N VAL A 93 38.26 24.84 20.19
CA VAL A 93 38.75 24.41 18.87
C VAL A 93 38.90 25.65 18.01
N VAL A 94 39.62 25.49 16.90
CA VAL A 94 39.94 26.59 16.02
C VAL A 94 39.46 26.28 14.62
N TYR A 95 39.19 27.33 13.84
CA TYR A 95 38.81 27.17 12.44
C TYR A 95 39.83 27.77 11.49
N ASN A 96 40.08 29.08 11.60
CA ASN A 96 41.12 29.83 10.86
C ASN A 96 41.28 29.36 9.41
N SER A 97 40.16 29.29 8.69
CA SER A 97 40.20 28.83 7.30
C SER A 97 39.02 29.40 6.53
N ARG A 98 39.24 29.58 5.22
CA ARG A 98 38.20 30.02 4.30
C ARG A 98 37.39 28.85 3.76
N THR A 99 36.88 28.02 4.68
CA THR A 99 36.10 26.85 4.31
C THR A 99 35.09 26.59 5.41
N ASP A 100 33.85 26.31 5.03
CA ASP A 100 32.75 26.15 5.99
C ASP A 100 32.97 24.85 6.75
N LYS A 101 33.87 24.93 7.73
CA LYS A 101 34.30 23.74 8.44
C LYS A 101 33.14 23.14 9.24
N PRO A 102 32.98 21.83 9.22
CA PRO A 102 31.89 21.22 10.00
C PRO A 102 32.03 21.54 11.48
N TRP A 103 30.90 21.80 12.10
CA TRP A 103 30.84 22.05 13.52
C TRP A 103 31.07 20.73 14.21
N PRO A 104 32.21 20.50 14.86
CA PRO A 104 32.55 19.18 15.38
C PRO A 104 31.73 18.77 16.60
N VAL A 105 30.41 18.88 16.49
CA VAL A 105 29.51 18.63 17.60
C VAL A 105 28.42 17.69 17.14
N ALA A 106 28.17 16.65 17.93
CA ALA A 106 27.05 15.74 17.71
C ALA A 106 26.35 15.51 19.03
N LEU A 107 25.03 15.38 19.02
CA LEU A 107 24.26 15.21 20.24
C LEU A 107 23.98 13.73 20.46
N TYR A 108 24.77 13.09 21.32
CA TYR A 108 24.60 11.68 21.63
C TYR A 108 23.51 11.55 22.69
N LEU A 109 22.27 11.71 22.25
CA LEU A 109 21.15 11.66 23.18
C LEU A 109 20.93 10.22 23.66
N THR A 110 20.00 10.07 24.60
CA THR A 110 19.68 8.78 25.20
C THR A 110 18.26 8.80 25.74
N PRO A 111 17.41 7.86 25.36
CA PRO A 111 16.03 7.85 25.89
C PRO A 111 16.02 7.53 27.37
N VAL A 112 15.04 8.09 28.07
CA VAL A 112 14.90 7.84 29.49
C VAL A 112 14.31 6.46 29.72
N SER A 113 14.53 5.92 30.92
CA SER A 113 13.98 4.63 31.28
C SER A 113 12.45 4.67 31.44
N SER A 114 11.90 5.85 31.67
CA SER A 114 10.45 6.03 31.79
C SER A 114 9.84 6.61 30.51
N ALA A 115 10.46 6.36 29.36
CA ALA A 115 9.92 6.85 28.10
C ALA A 115 8.60 6.15 27.79
N GLY A 116 7.76 6.85 27.03
CA GLY A 116 6.42 6.39 26.78
C GLY A 116 6.06 6.39 25.31
N GLY A 117 5.02 7.13 24.95
CA GLY A 117 4.60 7.26 23.57
C GLY A 117 5.53 8.16 22.78
N VAL A 118 4.98 9.00 21.92
CA VAL A 118 5.81 9.83 21.06
C VAL A 118 6.47 10.89 21.92
N ALA A 119 7.73 10.64 22.29
CA ALA A 119 8.41 11.49 23.24
C ALA A 119 8.87 12.80 22.62
N ILE A 120 9.23 12.79 21.34
CA ILE A 120 9.61 14.00 20.63
C ILE A 120 8.54 14.32 19.60
N LYS A 121 7.90 15.47 19.75
CA LYS A 121 6.85 15.87 18.83
C LYS A 121 7.44 16.58 17.62
N ALA A 122 6.79 16.39 16.47
CA ALA A 122 7.24 17.02 15.25
C ALA A 122 7.12 18.53 15.37
N GLY A 123 8.24 19.23 15.31
CA GLY A 123 8.27 20.66 15.52
C GLY A 123 8.55 21.10 16.94
N SER A 124 8.63 20.16 17.88
CA SER A 124 8.96 20.52 19.25
C SER A 124 10.41 20.95 19.36
N LEU A 125 10.73 21.62 20.46
CA LEU A 125 12.08 22.14 20.67
C LEU A 125 12.89 21.12 21.45
N ILE A 126 14.07 20.80 20.93
CA ILE A 126 14.89 19.72 21.47
C ILE A 126 16.14 20.27 22.16
N ALA A 127 16.91 21.10 21.48
CA ALA A 127 18.16 21.59 22.06
C ALA A 127 18.46 22.99 21.56
N VAL A 128 19.29 23.70 22.34
CA VAL A 128 19.78 25.02 21.98
C VAL A 128 21.28 25.03 22.18
N LEU A 129 22.00 25.65 21.25
CA LEU A 129 23.46 25.71 21.28
C LEU A 129 23.95 27.14 21.20
N ILE A 130 24.87 27.49 22.09
CA ILE A 130 25.48 28.82 22.14
C ILE A 130 26.94 28.67 21.75
N LEU A 131 27.39 29.52 20.84
CA LEU A 131 28.74 29.49 20.29
C LEU A 131 29.49 30.75 20.70
N ARG A 132 30.71 30.57 21.21
CA ARG A 132 31.57 31.66 21.64
C ARG A 132 32.62 31.93 20.57
N GLN A 133 32.77 33.19 20.19
CA GLN A 133 33.79 33.59 19.22
C GLN A 133 34.85 34.43 19.91
N THR A 134 36.10 33.98 19.86
CA THR A 134 37.24 34.80 20.26
C THR A 134 38.29 34.73 19.16
N ASN A 135 39.03 35.82 19.00
CA ASN A 135 40.08 35.87 17.99
C ASN A 135 41.38 36.38 18.60
N ASN A 136 42.39 36.64 17.76
CA ASN A 136 43.72 37.01 18.23
C ASN A 136 44.06 38.46 17.94
N TYR A 137 43.06 39.32 17.73
CA TYR A 137 43.31 40.73 17.50
C TYR A 137 42.65 41.64 18.52
N ASN A 138 41.45 41.30 18.97
CA ASN A 138 40.69 42.17 19.85
C ASN A 138 39.95 41.33 20.88
N SER A 139 39.42 42.00 21.90
CA SER A 139 38.69 41.36 22.98
C SER A 139 37.21 41.20 22.69
N ASP A 140 36.82 41.24 21.43
CA ASP A 140 35.41 41.11 21.08
C ASP A 140 34.94 39.67 21.29
N ASP A 141 33.94 39.50 22.14
CA ASP A 141 33.31 38.20 22.37
C ASP A 141 31.89 38.26 21.85
N PHE A 142 31.57 37.37 20.91
CA PHE A 142 30.26 37.32 20.31
C PHE A 142 29.65 35.93 20.49
N GLN A 143 28.36 35.90 20.79
CA GLN A 143 27.60 34.67 20.98
C GLN A 143 26.74 34.43 19.74
N PHE A 144 26.78 33.19 19.26
CA PHE A 144 25.97 32.75 18.13
C PHE A 144 24.98 31.70 18.63
N VAL A 145 23.69 31.88 18.37
CA VAL A 145 22.65 31.06 18.99
C VAL A 145 21.98 30.22 17.92
N TRP A 146 21.86 28.92 18.18
CA TRP A 146 21.15 27.99 17.31
C TRP A 146 20.04 27.31 18.11
N ASN A 147 18.87 27.19 17.51
CA ASN A 147 17.71 26.55 18.11
C ASN A 147 17.36 25.36 17.23
N ILE A 148 17.58 24.14 17.72
CA ILE A 148 17.36 22.96 16.92
C ILE A 148 15.91 22.52 17.08
N TYR A 149 15.22 22.31 15.97
CA TYR A 149 13.88 21.75 15.96
C TYR A 149 13.93 20.45 15.17
N ALA A 150 13.37 19.40 15.74
CA ALA A 150 13.21 18.14 15.03
C ALA A 150 11.87 18.19 14.31
N ASN A 151 11.91 18.12 12.99
CA ASN A 151 10.70 18.22 12.19
C ASN A 151 9.98 16.90 12.07
N ASN A 152 10.21 15.99 13.00
CA ASN A 152 9.82 14.61 12.81
C ASN A 152 9.53 14.02 14.17
N ASP A 153 8.78 12.93 14.19
CA ASP A 153 8.35 12.33 15.44
C ASP A 153 9.30 11.22 15.83
N VAL A 154 9.84 11.30 17.04
CA VAL A 154 10.69 10.27 17.62
C VAL A 154 9.90 9.62 18.73
N VAL A 155 9.65 8.32 18.59
CA VAL A 155 8.98 7.53 19.61
C VAL A 155 9.72 6.23 19.80
N VAL A 156 10.11 5.94 21.03
CA VAL A 156 10.81 4.70 21.31
C VAL A 156 9.77 3.59 21.41
N PRO A 157 10.02 2.42 20.86
CA PRO A 157 9.14 1.28 21.11
C PRO A 157 9.07 0.99 22.60
N THR A 158 7.86 0.67 23.06
CA THR A 158 7.62 0.40 24.48
C THR A 158 6.82 -0.87 24.64
N GLY A 159 7.31 -1.76 25.51
CA GLY A 159 6.63 -3.01 25.78
C GLY A 159 6.33 -3.17 27.25
N GLY A 160 6.40 -4.39 27.75
CA GLY A 160 6.13 -4.66 29.15
C GLY A 160 6.83 -5.90 29.68
N ILE B 7 -7.92 13.69 8.63
CA ILE B 7 -7.47 14.75 7.75
C ILE B 7 -5.96 14.86 7.77
N VAL B 8 -5.32 14.05 8.63
CA VAL B 8 -3.88 14.12 8.82
C VAL B 8 -3.15 13.75 7.52
N LEU B 9 -3.81 13.00 6.63
CA LEU B 9 -3.39 12.95 5.24
C LEU B 9 -4.59 12.69 4.36
N THR B 10 -4.46 13.07 3.11
CA THR B 10 -5.49 12.85 2.10
C THR B 10 -4.81 12.88 0.74
N GLN B 11 -5.54 12.40 -0.27
CA GLN B 11 -4.97 12.32 -1.61
C GLN B 11 -6.09 12.50 -2.63
N SER B 12 -5.71 12.89 -3.83
CA SER B 12 -6.67 13.08 -4.90
C SER B 12 -5.95 12.89 -6.22
N PRO B 13 -6.59 12.26 -7.20
CA PRO B 13 -7.91 11.63 -7.18
C PRO B 13 -7.79 10.14 -6.89
N ALA B 14 -8.86 9.39 -7.08
CA ALA B 14 -8.84 7.97 -6.80
C ALA B 14 -8.29 7.14 -7.96
N LEU B 15 -8.12 7.73 -9.15
CA LEU B 15 -7.74 6.95 -10.32
C LEU B 15 -7.17 7.86 -11.38
N MET B 16 -5.88 7.72 -11.66
CA MET B 16 -5.30 8.22 -12.90
C MET B 16 -5.39 7.15 -13.98
N ALA B 17 -4.70 7.41 -15.08
CA ALA B 17 -4.47 6.46 -16.15
C ALA B 17 -3.25 6.99 -16.90
N ALA B 18 -2.72 6.17 -17.81
CA ALA B 18 -1.52 6.58 -18.53
C ALA B 18 -1.35 5.75 -19.79
N SER B 19 -1.27 6.41 -20.93
CA SER B 19 -0.82 5.76 -22.14
C SER B 19 0.67 5.46 -22.01
N PRO B 20 1.18 4.48 -22.77
CA PRO B 20 2.63 4.23 -22.75
C PRO B 20 3.40 5.44 -23.25
N GLY B 21 4.53 5.72 -22.58
CA GLY B 21 5.35 6.86 -22.93
C GLY B 21 4.77 8.20 -22.54
N GLU B 22 3.88 8.25 -21.56
CA GLU B 22 3.22 9.48 -21.13
C GLU B 22 3.61 9.80 -19.70
N LYS B 23 4.02 11.05 -19.46
CA LYS B 23 4.37 11.48 -18.12
C LYS B 23 3.13 11.53 -17.23
N VAL B 24 3.28 11.04 -15.99
CA VAL B 24 2.18 10.96 -15.03
C VAL B 24 2.60 11.68 -13.77
N THR B 25 1.69 12.47 -13.21
CA THR B 25 1.91 13.15 -11.95
C THR B 25 0.81 12.78 -10.98
N ILE B 26 1.17 12.61 -9.71
CA ILE B 26 0.20 12.37 -8.64
C ILE B 26 0.53 13.28 -7.48
N THR B 27 -0.50 13.89 -6.90
CA THR B 27 -0.33 14.86 -5.82
C THR B 27 -0.91 14.32 -4.52
N CYS B 28 -0.22 14.58 -3.43
CA CYS B 28 -0.64 14.18 -2.09
C CYS B 28 -0.53 15.43 -1.23
N SER B 29 -1.68 15.93 -0.79
CA SER B 29 -1.76 17.14 0.01
C SER B 29 -2.05 16.78 1.46
N VAL B 30 -1.45 17.53 2.38
CA VAL B 30 -1.45 17.19 3.80
C VAL B 30 -2.06 18.35 4.58
N SER B 31 -2.58 18.04 5.77
CA SER B 31 -3.31 19.04 6.55
C SER B 31 -2.44 20.22 6.93
N SER B 32 -1.21 19.97 7.38
CA SER B 32 -0.30 21.03 7.77
C SER B 32 1.06 20.75 7.15
N SER B 33 1.83 21.80 6.89
CA SER B 33 3.19 21.63 6.39
C SER B 33 4.03 20.83 7.38
N ILE B 34 4.66 19.77 6.85
CA ILE B 34 5.14 18.65 7.66
C ILE B 34 6.56 18.71 8.24
N GLY B 35 7.59 18.42 7.46
CA GLY B 35 8.95 18.59 7.91
C GLY B 35 9.93 18.73 6.76
N SER B 36 9.39 18.73 5.54
CA SER B 36 10.11 18.64 4.28
C SER B 36 10.88 17.32 4.13
N SER B 37 10.91 16.80 2.89
CA SER B 37 11.74 15.68 2.45
C SER B 37 11.69 14.43 3.32
N ASN B 38 10.50 14.00 3.74
CA ASN B 38 10.45 12.73 4.47
C ASN B 38 9.22 11.87 4.23
N LEU B 39 8.36 12.16 3.25
CA LEU B 39 7.25 11.27 2.93
C LEU B 39 7.63 10.23 1.90
N HIS B 40 7.13 9.01 2.10
CA HIS B 40 7.55 7.84 1.37
C HIS B 40 6.43 7.42 0.44
N TRP B 41 6.79 6.94 -0.74
CA TRP B 41 5.80 6.49 -1.70
C TRP B 41 6.01 5.02 -2.00
N TYR B 42 4.94 4.24 -1.87
CA TYR B 42 4.96 2.80 -2.10
C TYR B 42 4.02 2.46 -3.24
N GLN B 43 4.29 1.34 -3.92
CA GLN B 43 3.35 0.78 -4.85
C GLN B 43 2.84 -0.54 -4.28
N GLN B 44 1.63 -0.93 -4.66
CA GLN B 44 1.11 -2.25 -4.34
C GLN B 44 0.41 -2.77 -5.59
N LYS B 45 0.98 -3.81 -6.20
CA LYS B 45 0.28 -4.50 -7.26
C LYS B 45 -0.79 -5.39 -6.63
N SER B 46 -1.75 -5.80 -7.47
CA SER B 46 -2.84 -6.63 -6.97
C SER B 46 -2.32 -7.98 -6.52
N GLU B 47 -2.67 -8.36 -5.29
CA GLU B 47 -2.26 -9.64 -4.71
C GLU B 47 -0.74 -9.81 -4.73
N THR B 48 -0.03 -8.73 -4.44
CA THR B 48 1.43 -8.72 -4.48
C THR B 48 1.94 -7.91 -3.29
N SER B 49 3.14 -8.25 -2.84
CA SER B 49 3.77 -7.50 -1.77
C SER B 49 4.07 -6.07 -2.22
N PRO B 50 3.84 -5.07 -1.36
CA PRO B 50 4.19 -3.70 -1.73
C PRO B 50 5.68 -3.51 -1.91
N LYS B 51 6.05 -2.77 -2.95
CA LYS B 51 7.43 -2.46 -3.24
C LYS B 51 7.64 -0.96 -3.06
N PRO B 52 8.57 -0.55 -2.19
CA PRO B 52 8.75 0.89 -1.93
C PRO B 52 9.46 1.55 -3.10
N TRP B 53 9.03 2.75 -3.47
CA TRP B 53 9.71 3.46 -4.53
C TRP B 53 10.40 4.74 -4.08
N ILE B 54 9.86 5.46 -3.09
CA ILE B 54 10.35 6.79 -2.71
C ILE B 54 10.54 6.81 -1.20
N TYR B 55 11.72 7.21 -0.72
CA TYR B 55 11.93 7.41 0.71
C TYR B 55 12.25 8.89 0.98
N GLY B 56 11.20 9.69 1.10
CA GLY B 56 11.39 11.12 1.17
C GLY B 56 11.56 11.70 -0.22
N THR B 57 11.45 13.02 -0.29
CA THR B 57 11.40 13.70 -1.57
C THR B 57 12.68 13.49 -2.38
N SER B 58 12.50 13.22 -3.68
CA SER B 58 13.61 13.06 -4.64
C SER B 58 14.59 11.99 -4.18
N ASN B 59 14.05 10.87 -3.70
CA ASN B 59 14.88 9.81 -3.12
C ASN B 59 14.34 8.45 -3.61
N LEU B 60 15.00 7.90 -4.62
CA LEU B 60 14.63 6.58 -5.11
C LEU B 60 14.94 5.52 -4.06
N ALA B 61 14.04 4.57 -3.90
CA ALA B 61 14.19 3.50 -2.92
C ALA B 61 15.17 2.44 -3.42
N SER B 62 15.20 1.29 -2.74
CA SER B 62 16.12 0.21 -3.09
C SER B 62 15.64 -0.49 -4.36
N GLY B 63 16.23 -0.13 -5.50
CA GLY B 63 15.92 -0.80 -6.75
C GLY B 63 14.83 -0.16 -7.57
N VAL B 64 14.98 1.14 -7.88
CA VAL B 64 13.99 1.90 -8.63
C VAL B 64 14.58 2.30 -9.98
N PRO B 65 13.79 2.39 -11.05
CA PRO B 65 14.29 2.99 -12.28
C PRO B 65 14.51 4.48 -12.13
N VAL B 66 15.20 5.05 -13.14
CA VAL B 66 15.52 6.47 -13.12
C VAL B 66 14.40 7.34 -13.67
N ARG B 67 13.55 6.81 -14.54
CA ARG B 67 12.39 7.56 -15.03
C ARG B 67 11.45 7.89 -13.89
N PHE B 68 11.18 6.92 -13.02
CA PHE B 68 10.50 7.15 -11.76
C PHE B 68 11.27 8.18 -10.94
N SER B 69 10.57 9.19 -10.42
CA SER B 69 11.25 10.22 -9.64
C SER B 69 10.22 10.89 -8.73
N GLY B 70 10.64 11.97 -8.07
CA GLY B 70 9.75 12.70 -7.21
C GLY B 70 10.32 14.07 -6.90
N SER B 71 9.42 14.97 -6.53
CA SER B 71 9.77 16.34 -6.16
C SER B 71 8.55 17.00 -5.54
N GLY B 72 8.79 17.98 -4.68
CA GLY B 72 7.69 18.68 -4.05
C GLY B 72 8.17 19.58 -2.95
N SER B 73 7.21 20.11 -2.18
CA SER B 73 7.51 21.07 -1.13
C SER B 73 6.88 20.67 0.20
N GLY B 74 7.05 21.51 1.22
CA GLY B 74 6.77 21.11 2.59
C GLY B 74 5.30 20.97 2.94
N THR B 75 4.40 21.46 2.09
CA THR B 75 2.97 21.40 2.39
C THR B 75 2.15 20.56 1.42
N SER B 76 2.66 20.25 0.24
CA SER B 76 1.91 19.45 -0.74
C SER B 76 2.92 18.72 -1.61
N TYR B 77 3.06 17.42 -1.43
CA TYR B 77 4.06 16.67 -2.17
C TYR B 77 3.48 16.00 -3.40
N SER B 78 4.36 15.48 -4.24
CA SER B 78 3.94 14.93 -5.51
C SER B 78 4.99 13.95 -6.02
N LEU B 79 4.57 13.14 -6.99
CA LEU B 79 5.40 12.18 -7.67
C LEU B 79 5.24 12.31 -9.18
N THR B 80 6.33 12.11 -9.89
CA THR B 80 6.38 12.17 -11.35
C THR B 80 7.01 10.90 -11.90
N ILE B 81 6.28 10.23 -12.79
CA ILE B 81 6.79 9.13 -13.59
C ILE B 81 6.94 9.66 -15.00
N SER B 82 8.18 9.78 -15.46
CA SER B 82 8.45 10.49 -16.70
C SER B 82 8.00 9.70 -17.91
N SER B 83 8.26 8.39 -17.93
CA SER B 83 7.93 7.54 -19.07
C SER B 83 7.13 6.35 -18.59
N MET B 84 6.29 5.83 -19.49
CA MET B 84 5.41 4.71 -19.19
C MET B 84 5.70 3.52 -20.10
N GLU B 85 5.76 2.34 -19.50
CA GLU B 85 5.93 1.08 -20.21
C GLU B 85 5.04 0.00 -19.60
N ALA B 86 3.88 0.38 -19.08
CA ALA B 86 2.98 -0.47 -18.28
C ALA B 86 3.80 -0.94 -17.08
N GLU B 87 3.80 -2.24 -16.76
CA GLU B 87 4.64 -2.82 -15.70
C GLU B 87 4.33 -2.24 -14.32
N ASP B 88 4.53 -0.93 -14.15
CA ASP B 88 4.32 -0.27 -12.88
C ASP B 88 2.86 0.00 -12.56
N ALA B 89 1.92 -0.59 -13.30
CA ALA B 89 0.51 -0.36 -13.05
C ALA B 89 0.15 -0.98 -11.71
N ALA B 90 0.10 -0.14 -10.68
CA ALA B 90 -0.19 -0.59 -9.33
C ALA B 90 -0.86 0.57 -8.61
N THR B 91 -1.30 0.33 -7.38
CA THR B 91 -1.90 1.40 -6.60
C THR B 91 -0.84 2.00 -5.68
N TYR B 92 -0.67 3.31 -5.75
CA TYR B 92 0.45 4.01 -5.12
C TYR B 92 -0.05 4.81 -3.93
N TYR B 93 0.70 4.74 -2.84
CA TYR B 93 0.28 5.37 -1.59
C TYR B 93 1.39 6.24 -1.03
N CYS B 94 0.99 7.40 -0.50
CA CYS B 94 1.89 8.32 0.19
C CYS B 94 1.75 8.09 1.69
N GLN B 95 2.88 7.81 2.34
CA GLN B 95 2.98 7.58 3.76
C GLN B 95 3.80 8.68 4.39
N GLN B 96 3.24 9.34 5.41
CA GLN B 96 3.89 10.49 6.00
C GLN B 96 4.73 10.07 7.20
N TRP B 97 6.02 10.36 7.15
CA TRP B 97 6.95 10.12 8.25
C TRP B 97 7.11 11.40 9.07
N SER B 98 5.98 11.93 9.52
CA SER B 98 5.96 13.17 10.28
C SER B 98 5.42 12.99 11.69
N THR B 99 4.24 12.39 11.84
CA THR B 99 3.60 12.32 13.13
C THR B 99 3.00 10.93 13.33
N TYR B 100 2.81 10.56 14.57
CA TYR B 100 2.10 9.34 14.90
C TYR B 100 0.69 9.67 15.31
N PRO B 101 -0.33 8.98 14.77
CA PRO B 101 -0.26 7.83 13.88
C PRO B 101 0.18 8.13 12.46
N TYR B 102 1.06 7.30 11.91
CA TYR B 102 1.34 7.36 10.49
C TYR B 102 0.07 7.05 9.71
N THR B 103 -0.13 7.77 8.62
CA THR B 103 -1.37 7.66 7.87
C THR B 103 -1.09 7.53 6.38
N PHE B 104 -1.24 6.31 5.88
CA PHE B 104 -1.29 6.07 4.45
C PHE B 104 -2.45 6.83 3.84
N GLY B 105 -2.22 7.42 2.68
CA GLY B 105 -3.23 8.20 2.01
C GLY B 105 -4.31 7.32 1.42
N GLY B 106 -5.24 7.98 0.72
CA GLY B 106 -6.26 7.24 0.01
C GLY B 106 -5.71 6.39 -1.11
N GLY B 107 -4.65 6.85 -1.75
CA GLY B 107 -4.03 6.07 -2.80
C GLY B 107 -4.73 6.21 -4.12
N THR B 108 -4.01 6.00 -5.22
CA THR B 108 -4.56 6.16 -6.56
C THR B 108 -4.36 4.86 -7.32
N LYS B 109 -5.46 4.15 -7.56
CA LYS B 109 -5.38 2.94 -8.37
C LYS B 109 -5.07 3.36 -9.80
N LEU B 110 -3.81 3.26 -10.18
CA LEU B 110 -3.34 3.76 -11.46
C LEU B 110 -3.46 2.64 -12.49
N GLU B 111 -4.32 2.85 -13.49
CA GLU B 111 -4.49 1.90 -14.57
C GLU B 111 -3.64 2.32 -15.76
N ILE B 112 -3.83 1.67 -16.91
CA ILE B 112 -3.14 2.01 -18.15
C ILE B 112 -4.17 2.53 -19.13
N LYS B 113 -3.85 3.64 -19.79
CA LYS B 113 -4.83 4.37 -20.60
C LYS B 113 -4.75 3.95 -22.06
N ARG B 114 -5.88 3.55 -22.61
CA ARG B 114 -6.07 3.35 -24.03
C ARG B 114 -7.42 3.96 -24.41
N THR B 115 -7.87 3.71 -25.63
CA THR B 115 -9.07 4.35 -26.15
C THR B 115 -10.32 3.76 -25.50
N VAL B 116 -11.48 4.16 -26.01
CA VAL B 116 -12.75 3.65 -25.52
C VAL B 116 -13.03 2.32 -26.21
N ALA B 117 -13.47 1.33 -25.43
CA ALA B 117 -13.74 0.00 -25.94
C ALA B 117 -15.21 -0.34 -25.69
N ALA B 118 -15.86 -0.90 -26.70
CA ALA B 118 -17.30 -1.15 -26.61
C ALA B 118 -17.56 -2.40 -25.76
N PRO B 119 -18.42 -2.31 -24.74
CA PRO B 119 -18.70 -3.48 -23.90
C PRO B 119 -19.59 -4.49 -24.59
N SER B 120 -18.99 -5.41 -25.35
CA SER B 120 -19.75 -6.42 -26.06
C SER B 120 -20.62 -7.23 -25.10
N VAL B 121 -21.89 -7.42 -25.48
CA VAL B 121 -22.93 -7.94 -24.60
C VAL B 121 -23.28 -9.35 -25.05
N PHE B 122 -23.42 -10.26 -24.09
CA PHE B 122 -23.62 -11.67 -24.36
C PHE B 122 -24.71 -12.21 -23.44
N ILE B 123 -25.47 -13.17 -23.94
CA ILE B 123 -26.66 -13.70 -23.26
C ILE B 123 -26.42 -15.15 -22.86
N PHE B 124 -26.88 -15.52 -21.67
CA PHE B 124 -26.70 -16.87 -21.15
C PHE B 124 -27.96 -17.34 -20.42
N PRO B 125 -28.70 -18.28 -20.99
CA PRO B 125 -29.82 -18.85 -20.26
C PRO B 125 -29.35 -19.73 -19.12
N PRO B 126 -30.12 -19.85 -18.05
CA PRO B 126 -29.74 -20.76 -16.97
C PRO B 126 -29.83 -22.21 -17.43
N SER B 127 -29.02 -23.06 -16.79
CA SER B 127 -28.97 -24.46 -17.15
C SER B 127 -30.26 -25.17 -16.71
N ASP B 128 -30.54 -26.29 -17.37
CA ASP B 128 -31.75 -27.04 -17.04
C ASP B 128 -31.60 -27.80 -15.73
N GLU B 129 -30.39 -28.22 -15.39
CA GLU B 129 -30.23 -29.09 -14.23
C GLU B 129 -30.38 -28.34 -12.91
N GLN B 130 -30.01 -27.06 -12.87
CA GLN B 130 -30.15 -26.30 -11.63
C GLN B 130 -31.60 -26.06 -11.27
N LEU B 131 -32.53 -26.25 -12.21
CA LEU B 131 -33.94 -26.22 -11.87
C LEU B 131 -34.31 -27.30 -10.88
N LYS B 132 -33.49 -28.34 -10.74
CA LYS B 132 -33.71 -29.33 -9.70
C LYS B 132 -33.55 -28.74 -8.31
N SER B 133 -32.79 -27.65 -8.17
CA SER B 133 -32.66 -26.94 -6.92
C SER B 133 -33.61 -25.75 -6.79
N GLY B 134 -34.49 -25.55 -7.77
CA GLY B 134 -35.41 -24.43 -7.73
C GLY B 134 -34.77 -23.09 -8.03
N THR B 135 -33.70 -23.08 -8.82
CA THR B 135 -32.99 -21.85 -9.15
C THR B 135 -32.74 -21.80 -10.65
N ALA B 136 -32.70 -20.59 -11.20
CA ALA B 136 -32.43 -20.37 -12.62
C ALA B 136 -31.74 -19.01 -12.76
N SER B 137 -30.41 -19.02 -12.85
CA SER B 137 -29.62 -17.80 -12.81
C SER B 137 -29.22 -17.41 -14.23
N VAL B 138 -30.00 -16.52 -14.84
CA VAL B 138 -29.66 -16.02 -16.16
C VAL B 138 -28.44 -15.12 -16.05
N VAL B 139 -27.51 -15.26 -16.98
CA VAL B 139 -26.23 -14.56 -16.91
C VAL B 139 -26.11 -13.65 -18.11
N CYS B 140 -25.73 -12.40 -17.87
CA CYS B 140 -25.38 -11.47 -18.94
C CYS B 140 -23.89 -11.16 -18.84
N LEU B 141 -23.23 -11.11 -19.98
CA LEU B 141 -21.79 -10.93 -20.02
C LEU B 141 -21.46 -9.64 -20.75
N LEU B 142 -20.52 -8.87 -20.19
CA LEU B 142 -19.96 -7.70 -20.83
C LEU B 142 -18.46 -7.93 -20.97
N ASN B 143 -17.93 -7.65 -22.15
CA ASN B 143 -16.51 -7.89 -22.41
C ASN B 143 -15.88 -6.69 -23.11
N ASN B 144 -14.59 -6.48 -22.81
CA ASN B 144 -13.71 -5.58 -23.57
C ASN B 144 -14.24 -4.14 -23.58
N PHE B 145 -14.26 -3.54 -22.39
CA PHE B 145 -14.64 -2.15 -22.23
C PHE B 145 -13.69 -1.45 -21.27
N TYR B 146 -13.37 -0.18 -21.56
CA TYR B 146 -12.48 0.53 -20.65
C TYR B 146 -13.10 0.86 -19.30
N PRO B 147 -14.10 1.74 -19.21
CA PRO B 147 -14.44 2.28 -17.89
C PRO B 147 -15.01 1.19 -16.99
N ARG B 148 -14.71 1.30 -15.70
CA ARG B 148 -15.27 0.34 -14.74
C ARG B 148 -16.79 0.47 -14.67
N GLU B 149 -17.33 1.60 -15.10
CA GLU B 149 -18.77 1.83 -15.17
C GLU B 149 -19.19 1.96 -16.63
N ALA B 150 -20.05 1.05 -17.07
CA ALA B 150 -20.77 1.17 -18.32
C ALA B 150 -22.24 0.87 -18.05
N LYS B 151 -23.13 1.55 -18.76
CA LYS B 151 -24.53 1.53 -18.37
C LYS B 151 -25.17 0.20 -18.73
N VAL B 152 -25.86 -0.40 -17.75
CA VAL B 152 -26.53 -1.68 -17.92
C VAL B 152 -27.93 -1.57 -17.35
N GLN B 153 -28.80 -2.49 -17.79
CA GLN B 153 -30.19 -2.52 -17.35
C GLN B 153 -30.74 -3.94 -17.49
N TRP B 154 -31.68 -4.27 -16.60
CA TRP B 154 -32.28 -5.60 -16.51
C TRP B 154 -33.79 -5.51 -16.61
N LYS B 155 -34.35 -6.15 -17.64
CA LYS B 155 -35.79 -6.23 -17.83
C LYS B 155 -36.18 -7.70 -18.05
N VAL B 156 -37.35 -8.07 -17.55
CA VAL B 156 -37.92 -9.38 -17.82
C VAL B 156 -39.35 -9.17 -18.30
N ASP B 157 -39.66 -9.66 -19.49
CA ASP B 157 -40.95 -9.42 -20.17
C ASP B 157 -41.23 -7.92 -20.27
N ASN B 158 -40.18 -7.15 -20.59
CA ASN B 158 -40.25 -5.70 -20.77
C ASN B 158 -40.79 -5.00 -19.52
N ALA B 159 -40.39 -5.50 -18.35
CA ALA B 159 -40.71 -4.89 -17.06
C ALA B 159 -39.42 -4.47 -16.39
N LEU B 160 -39.39 -3.25 -15.85
CA LEU B 160 -38.16 -2.73 -15.27
C LEU B 160 -37.82 -3.50 -13.99
N GLN B 161 -36.76 -4.29 -14.04
CA GLN B 161 -36.34 -5.10 -12.92
C GLN B 161 -35.14 -4.45 -12.25
N SER B 162 -35.22 -4.29 -10.93
CA SER B 162 -34.12 -3.73 -10.15
C SER B 162 -34.24 -4.23 -8.72
N GLY B 163 -33.12 -4.12 -7.99
CA GLY B 163 -33.05 -4.59 -6.63
C GLY B 163 -32.65 -6.04 -6.49
N ASN B 164 -32.73 -6.82 -7.56
CA ASN B 164 -32.26 -8.20 -7.57
C ASN B 164 -31.05 -8.38 -8.47
N SER B 165 -30.70 -7.38 -9.28
CA SER B 165 -29.56 -7.49 -10.17
C SER B 165 -28.26 -7.48 -9.37
N GLN B 166 -27.20 -7.99 -10.00
CA GLN B 166 -25.88 -8.01 -9.40
C GLN B 166 -24.84 -7.89 -10.49
N GLU B 167 -23.67 -7.36 -10.14
CA GLU B 167 -22.62 -7.14 -11.11
C GLU B 167 -21.28 -7.55 -10.51
N SER B 168 -20.40 -8.04 -11.36
CA SER B 168 -19.07 -8.47 -10.97
C SER B 168 -18.06 -7.92 -11.96
N VAL B 169 -16.99 -7.34 -11.45
CA VAL B 169 -16.05 -6.57 -12.25
C VAL B 169 -14.69 -7.25 -12.21
N THR B 170 -14.09 -7.42 -13.39
CA THR B 170 -12.75 -7.97 -13.51
C THR B 170 -11.72 -6.98 -13.00
N GLU B 171 -10.53 -7.49 -12.72
CA GLU B 171 -9.39 -6.64 -12.46
C GLU B 171 -8.85 -6.15 -13.79
N GLN B 172 -7.73 -5.42 -13.77
CA GLN B 172 -7.15 -4.94 -15.01
C GLN B 172 -6.63 -6.11 -15.83
N ASP B 173 -6.77 -6.01 -17.15
CA ASP B 173 -6.25 -7.04 -18.02
C ASP B 173 -4.74 -6.85 -18.22
N SER B 174 -4.11 -7.86 -18.80
CA SER B 174 -2.67 -7.82 -19.06
C SER B 174 -2.33 -8.01 -20.53
N LYS B 175 -3.33 -8.03 -21.41
CA LYS B 175 -3.10 -8.10 -22.84
C LYS B 175 -3.61 -6.89 -23.60
N ASP B 176 -4.72 -6.28 -23.15
CA ASP B 176 -5.23 -5.07 -23.77
C ASP B 176 -5.72 -4.05 -22.75
N SER B 177 -5.47 -4.29 -21.46
CA SER B 177 -5.87 -3.38 -20.38
C SER B 177 -7.37 -3.12 -20.38
N THR B 178 -8.15 -4.17 -20.58
CA THR B 178 -9.59 -4.07 -20.69
C THR B 178 -10.25 -4.66 -19.46
N TYR B 179 -11.58 -4.61 -19.43
CA TYR B 179 -12.38 -5.13 -18.34
C TYR B 179 -13.38 -6.16 -18.85
N SER B 180 -14.06 -6.80 -17.90
CA SER B 180 -15.17 -7.68 -18.21
C SER B 180 -16.06 -7.74 -16.99
N LEU B 181 -17.37 -7.82 -17.23
CA LEU B 181 -18.38 -7.76 -16.19
C LEU B 181 -19.36 -8.90 -16.35
N SER B 182 -19.79 -9.46 -15.22
CA SER B 182 -20.77 -10.53 -15.19
C SER B 182 -21.98 -10.06 -14.39
N SER B 183 -23.15 -10.08 -15.02
CA SER B 183 -24.39 -9.71 -14.38
C SER B 183 -25.19 -10.98 -14.12
N THR B 184 -25.54 -11.22 -12.86
CA THR B 184 -26.20 -12.44 -12.45
C THR B 184 -27.47 -12.10 -11.69
N LEU B 185 -28.59 -12.67 -12.13
CA LEU B 185 -29.86 -12.54 -11.44
C LEU B 185 -30.17 -13.81 -10.68
N THR B 186 -30.71 -13.65 -9.48
CA THR B 186 -31.12 -14.77 -8.64
C THR B 186 -32.64 -14.86 -8.70
N LEU B 187 -33.14 -15.72 -9.58
CA LEU B 187 -34.57 -15.88 -9.78
C LEU B 187 -34.94 -17.35 -9.63
N SER B 188 -36.13 -17.59 -9.08
CA SER B 188 -36.62 -18.94 -8.89
C SER B 188 -37.05 -19.55 -10.22
N LYS B 189 -37.23 -20.87 -10.21
CA LYS B 189 -37.73 -21.56 -11.39
C LYS B 189 -39.14 -21.10 -11.74
N ALA B 190 -39.99 -20.93 -10.72
CA ALA B 190 -41.35 -20.44 -10.95
C ALA B 190 -41.33 -19.02 -11.50
N ASP B 191 -40.47 -18.16 -10.96
CA ASP B 191 -40.39 -16.79 -11.45
C ASP B 191 -39.78 -16.75 -12.85
N TYR B 192 -38.90 -17.69 -13.17
CA TYR B 192 -38.41 -17.82 -14.54
C TYR B 192 -39.57 -18.17 -15.47
N GLU B 193 -40.35 -19.19 -15.11
CA GLU B 193 -41.43 -19.64 -15.98
C GLU B 193 -42.60 -18.67 -16.00
N LYS B 194 -42.65 -17.72 -15.06
CA LYS B 194 -43.76 -16.77 -15.02
C LYS B 194 -43.69 -15.75 -16.15
N HIS B 195 -42.52 -15.55 -16.75
CA HIS B 195 -42.33 -14.63 -17.85
C HIS B 195 -41.68 -15.37 -19.02
N LYS B 196 -41.58 -14.67 -20.15
CA LYS B 196 -41.00 -15.23 -21.36
C LYS B 196 -39.79 -14.45 -21.84
N VAL B 197 -39.87 -13.13 -21.90
CA VAL B 197 -38.81 -12.31 -22.49
C VAL B 197 -37.83 -11.91 -21.40
N TYR B 198 -36.55 -12.18 -21.64
CA TYR B 198 -35.46 -11.75 -20.77
C TYR B 198 -34.55 -10.82 -21.55
N ALA B 199 -34.17 -9.71 -20.92
CA ALA B 199 -33.41 -8.69 -21.64
C ALA B 199 -32.41 -8.03 -20.69
N CYS B 200 -31.17 -7.94 -21.13
CA CYS B 200 -30.20 -7.03 -20.53
C CYS B 200 -29.81 -6.03 -21.60
N GLU B 201 -29.81 -4.75 -21.23
CA GLU B 201 -29.56 -3.66 -22.16
C GLU B 201 -28.33 -2.88 -21.73
N VAL B 202 -27.38 -2.70 -22.63
CA VAL B 202 -26.19 -1.90 -22.37
C VAL B 202 -26.24 -0.70 -23.31
N THR B 203 -26.13 0.49 -22.74
CA THR B 203 -26.37 1.72 -23.46
C THR B 203 -25.18 2.66 -23.31
N HIS B 204 -23.97 2.14 -23.55
CA HIS B 204 -22.79 2.98 -23.58
C HIS B 204 -22.52 3.54 -24.96
N GLN B 205 -23.38 3.27 -25.93
CA GLN B 205 -23.36 3.93 -27.23
C GLN B 205 -24.78 4.24 -27.69
N GLY B 206 -25.69 4.50 -26.76
CA GLY B 206 -27.09 4.65 -27.07
C GLY B 206 -27.51 5.98 -27.62
N LEU B 207 -26.57 6.92 -27.77
CA LEU B 207 -26.91 8.20 -28.41
C LEU B 207 -27.31 8.02 -29.87
N SER B 208 -26.92 6.92 -30.50
CA SER B 208 -27.33 6.59 -31.86
C SER B 208 -28.18 5.34 -31.93
N SER B 209 -27.70 4.22 -31.39
CA SER B 209 -28.44 2.96 -31.42
C SER B 209 -27.96 2.07 -30.27
N PRO B 210 -28.77 1.91 -29.23
CA PRO B 210 -28.39 1.01 -28.14
C PRO B 210 -28.51 -0.45 -28.54
N VAL B 211 -27.81 -1.30 -27.80
CA VAL B 211 -27.87 -2.75 -27.99
C VAL B 211 -28.70 -3.36 -26.86
N THR B 212 -29.75 -4.10 -27.23
CA THR B 212 -30.68 -4.70 -26.28
C THR B 212 -30.97 -6.14 -26.70
N LYS B 213 -29.91 -6.91 -26.93
CA LYS B 213 -30.10 -8.26 -27.42
C LYS B 213 -30.80 -9.13 -26.37
N SER B 214 -31.69 -10.00 -26.85
CA SER B 214 -32.53 -10.82 -26.01
C SER B 214 -32.86 -12.09 -26.78
N PHE B 215 -33.16 -13.15 -26.05
CA PHE B 215 -33.43 -14.45 -26.64
C PHE B 215 -34.88 -14.86 -26.39
N ASN B 216 -35.32 -15.86 -27.14
CA ASN B 216 -36.66 -16.41 -26.99
C ASN B 216 -36.61 -17.61 -26.07
N ARG B 217 -37.49 -17.63 -25.07
CA ARG B 217 -37.48 -18.66 -24.04
C ARG B 217 -37.91 -20.00 -24.62
N GLY B 218 -37.23 -21.06 -24.17
CA GLY B 218 -37.59 -22.40 -24.61
C GLY B 218 -37.26 -22.69 -26.05
N GLU B 219 -36.34 -21.95 -26.66
CA GLU B 219 -35.98 -22.15 -28.06
C GLU B 219 -34.50 -21.88 -28.29
N GLU C 6 16.98 -14.69 -1.17
CA GLU C 6 18.12 -14.06 -0.50
C GLU C 6 17.70 -12.75 0.17
N VAL C 7 18.24 -12.53 1.37
CA VAL C 7 18.00 -11.38 2.24
C VAL C 7 16.57 -10.86 2.13
N GLN C 8 15.60 -11.71 2.44
CA GLN C 8 14.19 -11.40 2.24
C GLN C 8 13.42 -11.93 3.45
N LEU C 9 12.10 -12.00 3.30
CA LEU C 9 11.22 -12.37 4.41
C LEU C 9 10.03 -13.13 3.85
N GLN C 10 9.54 -14.10 4.64
CA GLN C 10 8.45 -14.98 4.22
C GLN C 10 7.37 -14.99 5.30
N GLN C 11 6.19 -15.49 4.92
CA GLN C 11 5.07 -15.61 5.85
C GLN C 11 4.04 -16.55 5.22
N PRO C 12 3.11 -17.12 6.04
CA PRO C 12 2.18 -18.13 5.52
C PRO C 12 1.19 -17.66 4.47
N GLY C 13 0.34 -18.58 4.01
CA GLY C 13 -0.59 -18.30 2.92
C GLY C 13 -2.00 -17.99 3.38
N PRO C 14 -2.99 -18.52 2.67
CA PRO C 14 -4.39 -18.20 2.99
C PRO C 14 -4.79 -18.76 4.35
N VAL C 15 -5.39 -17.90 5.17
CA VAL C 15 -5.66 -18.22 6.56
C VAL C 15 -7.16 -18.01 6.76
N LEU C 16 -7.95 -18.39 5.76
CA LEU C 16 -9.40 -18.27 5.84
C LEU C 16 -9.94 -18.97 7.08
N VAL C 17 -10.80 -18.29 7.83
CA VAL C 17 -11.30 -18.83 9.09
C VAL C 17 -12.59 -18.11 9.45
N LYS C 18 -13.46 -18.81 10.19
CA LYS C 18 -14.62 -18.20 10.83
C LYS C 18 -14.16 -17.07 11.76
N PRO C 19 -15.06 -16.15 12.14
CA PRO C 19 -14.58 -14.92 12.82
C PRO C 19 -13.78 -15.17 14.10
N GLY C 20 -14.18 -16.12 14.93
CA GLY C 20 -13.33 -16.67 15.97
C GLY C 20 -12.63 -15.67 16.87
N PRO C 21 -11.50 -16.07 17.47
CA PRO C 21 -10.71 -15.12 18.24
C PRO C 21 -9.66 -14.36 17.45
N SER C 22 -9.08 -14.99 16.41
CA SER C 22 -7.90 -14.45 15.74
C SER C 22 -7.48 -15.28 14.54
N VAL C 23 -6.42 -14.86 13.85
CA VAL C 23 -5.80 -15.69 12.83
C VAL C 23 -4.39 -16.08 13.27
N LYS C 24 -3.74 -15.20 14.03
CA LYS C 24 -2.39 -15.41 14.59
C LYS C 24 -1.41 -15.91 13.52
N ILE C 25 -1.16 -15.05 12.55
CA ILE C 25 -0.30 -15.43 11.43
C ILE C 25 1.15 -15.10 11.76
N SER C 26 2.05 -15.68 10.97
CA SER C 26 3.48 -15.60 11.19
C SER C 26 4.15 -14.75 10.11
N CYS C 27 5.44 -14.51 10.31
CA CYS C 27 6.24 -13.66 9.42
C CYS C 27 7.69 -14.11 9.56
N LYS C 28 8.14 -14.95 8.64
CA LYS C 28 9.44 -15.60 8.78
C LYS C 28 10.51 -14.79 8.05
N ALA C 29 11.60 -14.49 8.75
CA ALA C 29 12.65 -13.64 8.19
C ALA C 29 14.00 -14.35 8.26
N SER C 30 14.86 -14.00 7.31
CA SER C 30 16.20 -14.57 7.23
C SER C 30 17.03 -13.69 6.30
N GLY C 31 18.29 -14.06 6.13
CA GLY C 31 19.18 -13.37 5.22
C GLY C 31 19.91 -12.20 5.82
N PHE C 32 19.21 -11.09 6.06
CA PHE C 32 19.82 -9.91 6.65
C PHE C 32 20.07 -10.13 8.14
N THR C 33 20.96 -9.31 8.70
CA THR C 33 21.28 -9.42 10.11
C THR C 33 20.09 -8.94 10.93
N PHE C 34 19.20 -9.86 11.30
CA PHE C 34 17.96 -9.49 11.97
C PHE C 34 18.20 -9.37 13.46
N THR C 35 17.09 -9.30 14.23
CA THR C 35 17.00 -8.83 15.61
C THR C 35 17.87 -7.59 15.86
N ASP C 36 17.98 -6.73 14.84
CA ASP C 36 18.63 -5.44 14.98
C ASP C 36 17.94 -4.34 14.18
N TYR C 37 16.83 -4.63 13.51
CA TYR C 37 16.15 -3.69 12.62
C TYR C 37 14.66 -3.73 12.93
N PHE C 38 14.04 -2.57 13.05
CA PHE C 38 12.63 -2.50 13.36
C PHE C 38 11.78 -3.01 12.21
N ILE C 39 10.63 -3.60 12.55
CA ILE C 39 9.67 -4.07 11.55
C ILE C 39 8.28 -3.57 11.93
N HIS C 40 7.50 -3.22 10.91
CA HIS C 40 6.16 -2.68 11.02
C HIS C 40 5.18 -3.57 10.23
N TRP C 41 3.90 -3.24 10.30
CA TRP C 41 2.87 -4.03 9.66
C TRP C 41 1.83 -3.13 9.01
N VAL C 42 1.20 -3.65 7.95
CA VAL C 42 0.31 -2.86 7.11
C VAL C 42 -0.92 -3.70 6.75
N LYS C 43 -2.11 -3.10 6.87
CA LYS C 43 -3.37 -3.75 6.55
C LYS C 43 -3.94 -3.15 5.27
N GLN C 44 -4.33 -4.00 4.33
CA GLN C 44 -4.94 -3.56 3.08
C GLN C 44 -6.28 -4.27 2.91
N SER C 45 -7.38 -3.54 3.02
CA SER C 45 -8.72 -4.12 2.97
C SER C 45 -9.28 -3.94 1.57
N HIS C 46 -8.89 -4.85 0.68
CA HIS C 46 -9.28 -4.87 -0.74
C HIS C 46 -8.78 -3.58 -1.38
N GLY C 47 -9.58 -2.92 -2.20
CA GLY C 47 -9.15 -1.70 -2.87
C GLY C 47 -9.32 -0.45 -2.02
N LYS C 48 -8.84 -0.50 -0.78
CA LYS C 48 -8.90 0.62 0.13
C LYS C 48 -7.48 1.03 0.53
N SER C 49 -7.39 1.95 1.50
CA SER C 49 -6.10 2.43 1.95
C SER C 49 -5.33 1.34 2.67
N LEU C 50 -4.01 1.45 2.67
CA LEU C 50 -3.14 0.46 3.29
C LEU C 50 -2.76 0.86 4.71
N GLU C 51 -3.67 1.50 5.44
CA GLU C 51 -3.29 2.27 6.62
C GLU C 51 -2.51 1.44 7.64
N TRP C 52 -1.32 1.94 7.98
CA TRP C 52 -0.33 1.22 8.76
C TRP C 52 -0.87 0.88 10.15
N ILE C 53 -0.41 -0.25 10.69
CA ILE C 53 -0.95 -0.78 11.94
C ILE C 53 -0.07 -0.44 13.14
N GLY C 54 1.15 -0.95 13.14
CA GLY C 54 2.03 -0.77 14.28
C GLY C 54 3.43 -1.23 13.97
N LEU C 55 4.21 -1.48 15.03
CA LEU C 55 5.59 -1.90 14.84
C LEU C 55 6.10 -2.65 16.06
N VAL C 56 6.95 -3.64 15.80
CA VAL C 56 7.58 -4.45 16.83
C VAL C 56 9.07 -4.51 16.53
N SER C 57 9.87 -4.60 17.59
CA SER C 57 11.32 -4.46 17.51
C SER C 57 12.04 -5.74 17.92
N PRO C 58 12.58 -6.53 17.00
CA PRO C 58 13.14 -7.83 17.38
C PRO C 58 14.36 -7.72 18.29
N TYR C 59 14.94 -6.53 18.45
CA TYR C 59 15.90 -6.33 19.53
C TYR C 59 15.22 -6.47 20.89
N ASN C 60 14.07 -5.83 21.07
CA ASN C 60 13.42 -5.84 22.37
C ASN C 60 11.89 -5.95 22.32
N GLY C 61 11.28 -6.09 21.15
CA GLY C 61 9.84 -6.14 21.04
C GLY C 61 9.24 -4.75 21.08
N GLY C 62 9.11 -4.20 22.28
CA GLY C 62 8.63 -2.84 22.53
C GLY C 62 7.41 -2.41 21.74
N THR C 63 6.59 -3.37 21.33
CA THR C 63 5.62 -3.12 20.29
C THR C 63 4.55 -2.13 20.73
N TYR C 64 4.10 -1.31 19.78
CA TYR C 64 3.02 -0.37 19.98
C TYR C 64 2.38 -0.10 18.63
N TYR C 65 1.13 0.36 18.66
CA TYR C 65 0.35 0.52 17.44
C TYR C 65 -0.45 1.81 17.54
N ASN C 66 -1.01 2.23 16.40
CA ASN C 66 -1.77 3.46 16.35
C ASN C 66 -3.13 3.29 17.03
N GLN C 67 -3.80 4.41 17.25
CA GLN C 67 -5.07 4.40 17.95
C GLN C 67 -6.18 3.71 17.17
N GLN C 68 -6.06 3.62 15.84
CA GLN C 68 -7.11 3.01 15.03
C GLN C 68 -7.15 1.50 15.24
N PHE C 69 -6.08 0.81 14.89
CA PHE C 69 -5.94 -0.61 15.20
C PHE C 69 -5.22 -0.81 16.53
N LYS C 70 -5.69 -0.11 17.57
CA LYS C 70 -5.17 -0.27 18.92
C LYS C 70 -5.77 -1.47 19.64
N GLY C 71 -6.73 -2.15 19.02
CA GLY C 71 -7.42 -3.24 19.68
C GLY C 71 -7.07 -4.60 19.11
N LYS C 72 -6.67 -4.66 17.84
CA LYS C 72 -6.34 -5.93 17.21
C LYS C 72 -4.90 -5.88 16.71
N ALA C 73 -3.97 -6.10 17.64
CA ALA C 73 -2.55 -6.22 17.32
C ALA C 73 -1.80 -6.76 18.52
N THR C 74 -1.08 -7.86 18.34
CA THR C 74 -0.25 -8.44 19.39
C THR C 74 1.08 -8.86 18.78
N LEU C 75 1.68 -7.95 18.01
CA LEU C 75 2.89 -8.26 17.27
C LEU C 75 4.04 -8.59 18.21
N THR C 76 4.68 -9.74 17.99
CA THR C 76 5.91 -10.08 18.70
C THR C 76 6.86 -10.73 17.70
N VAL C 77 8.06 -11.09 18.15
CA VAL C 77 9.03 -11.78 17.31
C VAL C 77 9.74 -12.85 18.13
N ASP C 78 10.01 -13.99 17.49
CA ASP C 78 10.96 -14.97 18.00
C ASP C 78 12.31 -14.73 17.33
N THR C 79 13.32 -14.44 18.15
CA THR C 79 14.59 -13.96 17.63
C THR C 79 15.42 -15.07 16.98
N SER C 80 15.41 -16.27 17.57
CA SER C 80 16.27 -17.34 17.09
C SER C 80 15.92 -17.75 15.67
N SER C 81 14.64 -17.95 15.39
CA SER C 81 14.21 -18.26 14.03
C SER C 81 13.91 -17.01 13.22
N SER C 82 14.01 -15.82 13.83
CA SER C 82 13.75 -14.55 13.15
C SER C 82 12.35 -14.52 12.53
N THR C 83 11.34 -14.69 13.37
CA THR C 83 9.97 -14.84 12.91
C THR C 83 9.04 -14.01 13.78
N ALA C 84 8.50 -12.93 13.21
CA ALA C 84 7.47 -12.16 13.90
C ALA C 84 6.13 -12.86 13.81
N TYR C 85 5.22 -12.44 14.69
CA TYR C 85 3.88 -12.99 14.76
C TYR C 85 2.90 -11.84 14.92
N MET C 86 1.87 -11.82 14.07
CA MET C 86 0.77 -10.87 14.15
C MET C 86 -0.43 -11.62 14.70
N ASP C 87 -0.83 -11.29 15.92
CA ASP C 87 -1.95 -11.92 16.59
C ASP C 87 -3.04 -10.88 16.81
N LEU C 88 -4.24 -11.18 16.35
CA LEU C 88 -5.38 -10.29 16.55
C LEU C 88 -5.92 -10.52 17.95
N ASN C 89 -5.85 -9.50 18.80
CA ASN C 89 -6.38 -9.62 20.16
C ASN C 89 -7.88 -9.86 20.12
N SER C 90 -8.58 -9.16 19.24
CA SER C 90 -10.01 -9.32 19.04
C SER C 90 -10.28 -9.76 17.61
N LEU C 91 -11.47 -10.29 17.39
CA LEU C 91 -11.88 -10.75 16.08
C LEU C 91 -12.05 -9.58 15.12
N THR C 92 -11.83 -9.85 13.83
CA THR C 92 -12.09 -8.83 12.82
C THR C 92 -13.57 -8.80 12.45
N SER C 93 -14.04 -9.89 11.81
CA SER C 93 -15.45 -10.13 11.47
C SER C 93 -15.99 -9.14 10.44
N GLU C 94 -15.20 -8.14 10.12
CA GLU C 94 -15.40 -7.13 9.09
C GLU C 94 -14.13 -6.93 8.26
N ASP C 95 -12.97 -7.01 8.90
CA ASP C 95 -11.71 -6.62 8.28
C ASP C 95 -11.08 -7.83 7.61
N SER C 96 -11.65 -8.22 6.47
CA SER C 96 -11.10 -9.29 5.66
C SER C 96 -10.00 -8.72 4.78
N ALA C 97 -8.87 -8.44 5.42
CA ALA C 97 -7.81 -7.65 4.80
C ALA C 97 -6.54 -8.47 4.67
N VAL C 98 -5.79 -8.17 3.62
CA VAL C 98 -4.45 -8.71 3.44
C VAL C 98 -3.51 -8.02 4.42
N TYR C 99 -2.76 -8.81 5.17
CA TYR C 99 -1.85 -8.30 6.18
C TYR C 99 -0.41 -8.48 5.71
N TYR C 100 0.37 -7.42 5.79
CA TYR C 100 1.73 -7.39 5.28
C TYR C 100 2.72 -7.12 6.41
N CYS C 101 3.72 -7.99 6.52
CA CYS C 101 4.93 -7.72 7.29
C CYS C 101 5.87 -6.86 6.46
N THR C 102 6.48 -5.86 7.09
CA THR C 102 7.49 -5.06 6.40
C THR C 102 8.53 -4.64 7.41
N ARG C 103 9.71 -4.28 6.93
CA ARG C 103 10.80 -3.86 7.80
C ARG C 103 11.28 -2.46 7.43
N LEU C 104 11.97 -1.83 8.38
CA LEU C 104 12.37 -0.43 8.30
C LEU C 104 13.89 -0.35 8.34
N LEU C 105 14.49 0.20 7.29
CA LEU C 105 15.94 0.28 7.20
C LEU C 105 16.47 1.36 8.14
N ARG C 106 17.70 1.16 8.61
CA ARG C 106 18.28 2.06 9.61
C ARG C 106 18.86 3.33 9.00
N GLY C 107 18.95 3.43 7.67
CA GLY C 107 19.53 4.61 7.06
C GLY C 107 18.46 5.65 6.84
N TYR C 108 18.20 5.98 5.58
CA TYR C 108 16.97 6.66 5.23
C TYR C 108 15.79 5.82 5.70
N TRP C 109 15.05 6.30 6.70
CA TRP C 109 14.09 5.46 7.40
C TRP C 109 12.82 5.31 6.57
N TYR C 110 12.58 4.10 6.07
CA TYR C 110 11.38 3.81 5.29
C TYR C 110 11.13 2.31 5.30
N PHE C 111 9.89 1.94 4.94
CA PHE C 111 9.51 0.54 4.86
C PHE C 111 10.09 -0.07 3.59
N ASP C 112 10.77 -1.21 3.73
CA ASP C 112 11.38 -1.90 2.61
C ASP C 112 11.31 -3.40 2.86
N VAL C 113 11.52 -4.18 1.79
CA VAL C 113 11.52 -5.64 1.82
C VAL C 113 10.27 -6.16 2.51
N TRP C 114 9.12 -5.98 1.87
CA TRP C 114 7.85 -6.32 2.49
C TRP C 114 7.63 -7.83 2.49
N GLY C 115 6.79 -8.28 3.41
CA GLY C 115 6.41 -9.68 3.42
C GLY C 115 5.48 -10.03 2.28
N THR C 116 5.42 -11.33 1.97
CA THR C 116 4.59 -11.80 0.87
C THR C 116 3.13 -11.48 1.10
N GLY C 117 2.65 -11.67 2.32
CA GLY C 117 1.31 -11.27 2.65
C GLY C 117 0.34 -12.43 2.75
N THR C 118 -0.55 -12.38 3.74
CA THR C 118 -1.59 -13.38 3.91
C THR C 118 -2.89 -12.89 3.30
N THR C 119 -3.86 -13.79 3.20
CA THR C 119 -5.22 -13.46 2.80
C THR C 119 -6.15 -13.92 3.91
N VAL C 120 -6.72 -12.97 4.64
CA VAL C 120 -7.65 -13.27 5.72
C VAL C 120 -9.07 -13.08 5.20
N THR C 121 -9.90 -14.13 5.36
CA THR C 121 -11.27 -14.13 4.87
C THR C 121 -12.19 -14.54 6.00
N VAL C 122 -13.33 -13.87 6.12
CA VAL C 122 -14.30 -14.13 7.17
C VAL C 122 -15.60 -14.57 6.51
N SER C 123 -15.88 -15.87 6.54
CA SER C 123 -17.15 -16.41 6.08
C SER C 123 -17.36 -17.74 6.80
N SER C 124 -18.63 -18.18 6.83
CA SER C 124 -19.02 -19.33 7.65
C SER C 124 -19.93 -20.27 6.88
N ALA C 125 -19.55 -20.61 5.65
CA ALA C 125 -20.35 -21.52 4.85
C ALA C 125 -19.98 -22.98 5.03
N SER C 126 -19.04 -23.28 5.93
CA SER C 126 -18.68 -24.65 6.33
C SER C 126 -18.11 -25.45 5.15
N THR C 127 -17.17 -24.83 4.42
CA THR C 127 -16.35 -25.51 3.41
C THR C 127 -17.21 -26.15 2.33
N LYS C 128 -17.92 -25.31 1.59
CA LYS C 128 -18.80 -25.79 0.54
C LYS C 128 -18.01 -26.16 -0.72
N GLY C 129 -18.43 -27.23 -1.37
CA GLY C 129 -17.80 -27.68 -2.59
C GLY C 129 -18.45 -27.09 -3.83
N PRO C 130 -17.64 -26.81 -4.85
CA PRO C 130 -18.16 -26.19 -6.07
C PRO C 130 -19.07 -27.11 -6.86
N SER C 131 -19.62 -26.55 -7.92
CA SER C 131 -20.32 -27.29 -8.96
C SER C 131 -20.00 -26.63 -10.29
N VAL C 132 -20.76 -26.97 -11.33
CA VAL C 132 -20.63 -26.28 -12.60
C VAL C 132 -22.00 -26.25 -13.26
N PHE C 133 -22.33 -25.09 -13.82
CA PHE C 133 -23.59 -24.89 -14.55
C PHE C 133 -23.18 -24.53 -15.97
N PRO C 134 -23.24 -25.47 -16.91
CA PRO C 134 -22.78 -25.17 -18.27
C PRO C 134 -23.52 -24.00 -18.89
N LEU C 135 -22.83 -22.89 -19.11
CA LEU C 135 -23.47 -21.73 -19.72
C LEU C 135 -23.68 -21.99 -21.19
N ALA C 136 -24.92 -21.89 -21.63
CA ALA C 136 -25.29 -22.33 -22.96
C ALA C 136 -24.80 -21.33 -24.00
N PRO C 137 -23.99 -21.74 -24.96
CA PRO C 137 -23.68 -20.88 -26.12
C PRO C 137 -24.79 -20.97 -27.16
N SER C 138 -25.83 -20.17 -26.94
CA SER C 138 -27.03 -20.24 -27.76
C SER C 138 -26.79 -19.59 -29.12
N SER C 139 -27.86 -19.40 -29.88
CA SER C 139 -27.83 -18.89 -31.25
C SER C 139 -27.01 -19.79 -32.17
N LYS C 140 -26.58 -19.27 -33.32
CA LYS C 140 -25.89 -20.09 -34.30
C LYS C 140 -24.52 -20.53 -33.80
N SER C 141 -23.73 -19.58 -33.29
CA SER C 141 -22.41 -19.77 -32.69
C SER C 141 -21.34 -20.20 -33.69
N THR C 142 -21.70 -20.45 -34.95
CA THR C 142 -20.77 -20.89 -36.00
C THR C 142 -19.96 -22.11 -35.59
N SER C 143 -20.55 -22.97 -34.75
CA SER C 143 -19.89 -24.14 -34.19
C SER C 143 -18.56 -23.77 -33.52
N GLY C 144 -18.57 -22.65 -32.80
CA GLY C 144 -17.36 -22.13 -32.21
C GLY C 144 -16.90 -20.85 -32.89
N GLY C 145 -16.93 -19.75 -32.15
CA GLY C 145 -16.61 -18.45 -32.73
C GLY C 145 -16.95 -17.31 -31.78
N THR C 146 -17.68 -16.31 -32.28
CA THR C 146 -18.08 -15.16 -31.47
C THR C 146 -19.33 -15.51 -30.64
N ALA C 147 -19.17 -16.54 -29.80
CA ALA C 147 -20.25 -16.99 -28.92
C ALA C 147 -19.61 -17.79 -27.79
N ALA C 148 -19.74 -17.30 -26.57
CA ALA C 148 -19.00 -17.84 -25.45
C ALA C 148 -19.83 -18.83 -24.66
N LEU C 149 -19.12 -19.71 -23.95
CA LEU C 149 -19.71 -20.62 -22.99
C LEU C 149 -19.02 -20.37 -21.66
N GLY C 150 -19.56 -20.95 -20.59
CA GLY C 150 -19.05 -20.67 -19.27
C GLY C 150 -19.13 -21.88 -18.37
N CYS C 151 -18.27 -21.85 -17.35
CA CYS C 151 -18.18 -22.92 -16.37
C CYS C 151 -18.63 -22.38 -15.02
N LEU C 152 -19.76 -21.67 -15.01
CA LEU C 152 -20.25 -20.94 -13.86
C LEU C 152 -20.40 -21.81 -12.63
N VAL C 153 -19.59 -21.54 -11.61
CA VAL C 153 -19.71 -22.19 -10.31
C VAL C 153 -20.51 -21.27 -9.40
N LYS C 154 -21.53 -21.83 -8.75
CA LYS C 154 -22.49 -21.01 -8.03
C LYS C 154 -22.38 -21.10 -6.51
N ASP C 155 -21.64 -22.05 -5.96
CA ASP C 155 -21.57 -22.19 -4.51
C ASP C 155 -20.28 -22.87 -4.08
N TYR C 156 -19.55 -22.22 -3.18
CA TYR C 156 -18.37 -22.77 -2.53
C TYR C 156 -17.97 -21.82 -1.41
N PHE C 157 -17.54 -22.37 -0.28
CA PHE C 157 -16.96 -21.54 0.76
C PHE C 157 -15.50 -21.18 0.51
N PRO C 158 -14.58 -22.14 0.29
CA PRO C 158 -13.16 -21.76 0.29
C PRO C 158 -12.79 -20.98 -0.95
N GLU C 159 -12.12 -19.85 -0.74
CA GLU C 159 -11.79 -18.93 -1.82
C GLU C 159 -10.90 -19.52 -2.92
N PRO C 160 -9.75 -20.18 -2.64
CA PRO C 160 -8.85 -20.53 -3.75
C PRO C 160 -9.42 -21.60 -4.66
N VAL C 161 -10.41 -21.23 -5.46
CA VAL C 161 -11.06 -22.15 -6.38
C VAL C 161 -10.43 -21.94 -7.76
N THR C 162 -10.25 -23.03 -8.50
CA THR C 162 -9.38 -23.03 -9.65
C THR C 162 -10.11 -23.50 -10.90
N VAL C 163 -11.27 -22.92 -11.18
CA VAL C 163 -12.14 -23.31 -12.28
C VAL C 163 -11.41 -23.27 -13.64
N SER C 164 -10.21 -22.69 -13.69
CA SER C 164 -9.44 -22.61 -14.92
C SER C 164 -9.29 -23.99 -15.55
N TRP C 165 -9.17 -23.99 -16.87
CA TRP C 165 -9.34 -25.19 -17.66
C TRP C 165 -8.01 -25.92 -17.74
N ASN C 166 -7.90 -26.90 -18.64
CA ASN C 166 -6.73 -27.76 -18.74
C ASN C 166 -5.56 -26.97 -19.31
N SER C 167 -4.96 -26.14 -18.45
CA SER C 167 -3.81 -25.29 -18.81
C SER C 167 -4.13 -24.41 -20.01
N GLY C 168 -5.32 -23.83 -20.03
CA GLY C 168 -5.77 -23.01 -21.14
C GLY C 168 -6.90 -23.71 -21.88
N ALA C 169 -7.86 -22.91 -22.33
CA ALA C 169 -9.04 -23.43 -23.02
C ALA C 169 -8.91 -23.19 -24.51
N LEU C 170 -9.03 -24.28 -25.29
CA LEU C 170 -8.92 -24.26 -26.76
C LEU C 170 -7.56 -23.68 -27.12
N THR C 171 -7.47 -22.50 -27.73
CA THR C 171 -6.19 -21.86 -28.03
C THR C 171 -5.92 -20.71 -27.07
N SER C 172 -6.29 -20.91 -25.80
CA SER C 172 -6.01 -20.01 -24.68
C SER C 172 -6.80 -18.71 -24.76
N GLY C 173 -6.96 -18.04 -23.62
CA GLY C 173 -7.72 -16.81 -23.53
C GLY C 173 -9.01 -16.98 -22.75
N VAL C 174 -8.98 -16.60 -21.47
CA VAL C 174 -10.12 -16.69 -20.58
C VAL C 174 -10.21 -15.41 -19.77
N HIS C 175 -11.35 -15.23 -19.11
CA HIS C 175 -11.62 -14.04 -18.30
C HIS C 175 -12.24 -14.44 -16.97
N THR C 176 -11.60 -15.38 -16.27
CA THR C 176 -12.14 -15.89 -15.02
C THR C 176 -12.34 -14.76 -14.01
N PHE C 177 -13.52 -14.73 -13.41
CA PHE C 177 -14.01 -13.59 -12.66
C PHE C 177 -13.59 -13.66 -11.19
N PRO C 178 -13.42 -12.51 -10.55
CA PRO C 178 -13.04 -12.53 -9.14
C PRO C 178 -14.21 -12.81 -8.22
N ALA C 179 -13.98 -12.63 -6.92
CA ALA C 179 -14.97 -12.99 -5.91
C ALA C 179 -16.22 -12.14 -6.04
N VAL C 180 -17.34 -12.68 -5.57
CA VAL C 180 -18.61 -11.96 -5.64
C VAL C 180 -19.31 -11.84 -4.29
N LEU C 181 -19.00 -12.70 -3.32
CA LEU C 181 -19.63 -12.74 -2.00
C LEU C 181 -21.12 -13.08 -2.10
N GLN C 182 -21.61 -13.33 -3.30
CA GLN C 182 -23.00 -13.66 -3.62
C GLN C 182 -23.93 -12.60 -3.05
N SER C 183 -25.13 -12.99 -2.63
CA SER C 183 -26.09 -12.08 -2.03
C SER C 183 -26.59 -12.53 -0.67
N SER C 184 -26.38 -13.79 -0.28
CA SER C 184 -26.83 -14.30 1.00
C SER C 184 -25.74 -15.14 1.65
N GLY C 185 -24.49 -14.70 1.53
CA GLY C 185 -23.38 -15.39 2.18
C GLY C 185 -22.94 -16.66 1.48
N LEU C 186 -22.57 -16.54 0.20
CA LEU C 186 -21.96 -17.63 -0.55
C LEU C 186 -20.84 -17.04 -1.39
N TYR C 187 -20.28 -17.84 -2.29
CA TYR C 187 -19.27 -17.36 -3.22
C TYR C 187 -19.50 -18.00 -4.57
N SER C 188 -19.51 -17.19 -5.63
CA SER C 188 -19.81 -17.72 -6.97
C SER C 188 -19.13 -16.85 -8.03
N LEU C 189 -17.90 -17.22 -8.38
CA LEU C 189 -17.27 -16.58 -9.52
C LEU C 189 -17.76 -17.27 -10.78
N SER C 190 -17.11 -17.01 -11.91
CA SER C 190 -17.50 -17.66 -13.13
C SER C 190 -16.28 -17.81 -14.02
N SER C 191 -16.51 -18.22 -15.26
CA SER C 191 -15.47 -18.27 -16.28
C SER C 191 -16.17 -18.13 -17.62
N VAL C 192 -15.45 -17.57 -18.59
CA VAL C 192 -16.00 -17.37 -19.93
C VAL C 192 -14.89 -17.65 -20.93
N VAL C 193 -15.17 -18.50 -21.90
CA VAL C 193 -14.28 -18.75 -23.02
C VAL C 193 -15.07 -18.49 -24.29
N THR C 194 -14.52 -17.64 -25.17
CA THR C 194 -15.20 -17.36 -26.42
C THR C 194 -15.26 -18.60 -27.31
N VAL C 195 -14.33 -19.53 -27.14
CA VAL C 195 -14.17 -20.72 -27.98
C VAL C 195 -14.09 -20.31 -29.45
N PRO C 196 -12.97 -19.71 -29.88
CA PRO C 196 -12.88 -19.28 -31.29
C PRO C 196 -12.30 -20.37 -32.19
N SER C 197 -11.75 -21.43 -31.61
CA SER C 197 -11.07 -22.46 -32.36
C SER C 197 -11.93 -23.72 -32.45
N SER C 198 -11.61 -24.56 -33.43
CA SER C 198 -12.25 -25.85 -33.69
C SER C 198 -13.71 -25.71 -34.09
N SER C 199 -14.30 -26.78 -34.63
CA SER C 199 -15.72 -26.79 -34.98
C SER C 199 -16.24 -28.22 -34.77
N LEU C 200 -16.76 -28.46 -33.57
CA LEU C 200 -17.35 -29.74 -33.17
C LEU C 200 -16.40 -30.92 -33.32
N GLY C 201 -15.09 -30.66 -33.44
CA GLY C 201 -14.11 -31.72 -33.58
C GLY C 201 -13.47 -32.12 -32.28
N THR C 202 -12.97 -31.14 -31.52
CA THR C 202 -12.35 -31.42 -30.23
C THR C 202 -13.42 -31.63 -29.15
N GLN C 203 -14.23 -30.60 -28.91
CA GLN C 203 -15.43 -30.66 -28.07
C GLN C 203 -15.13 -31.03 -26.63
N THR C 204 -13.87 -30.92 -26.20
CA THR C 204 -13.45 -31.36 -24.88
C THR C 204 -14.12 -30.54 -23.76
N TYR C 205 -13.78 -29.27 -23.66
CA TYR C 205 -14.20 -28.36 -22.60
C TYR C 205 -14.21 -29.02 -21.22
N ILE C 206 -13.07 -29.60 -20.86
CA ILE C 206 -12.87 -30.12 -19.51
C ILE C 206 -12.26 -28.98 -18.71
N CYS C 207 -13.12 -28.17 -18.10
CA CYS C 207 -12.64 -27.17 -17.16
C CYS C 207 -12.50 -27.87 -15.81
N ASN C 208 -11.26 -28.19 -15.45
CA ASN C 208 -11.01 -28.81 -14.17
C ASN C 208 -11.32 -27.80 -13.07
N VAL C 209 -12.33 -28.11 -12.25
CA VAL C 209 -12.59 -27.27 -11.10
C VAL C 209 -11.39 -27.27 -10.17
N ASN C 210 -10.89 -28.47 -9.85
CA ASN C 210 -9.61 -28.68 -9.19
C ASN C 210 -9.44 -27.87 -7.90
N HIS C 211 -10.53 -27.42 -7.30
CA HIS C 211 -10.41 -26.74 -6.03
C HIS C 211 -10.08 -27.81 -4.99
N LYS C 212 -9.44 -27.41 -3.88
CA LYS C 212 -8.76 -28.36 -3.01
C LYS C 212 -9.61 -29.55 -2.57
N PRO C 213 -10.84 -29.39 -2.04
CA PRO C 213 -11.72 -30.57 -1.91
C PRO C 213 -12.70 -30.71 -3.07
N SER C 214 -12.22 -30.72 -4.31
CA SER C 214 -13.12 -30.74 -5.46
C SER C 214 -12.57 -31.66 -6.53
N ASN C 215 -13.45 -31.98 -7.49
CA ASN C 215 -13.17 -32.90 -8.58
C ASN C 215 -13.05 -32.15 -9.90
N THR C 216 -12.53 -32.84 -10.90
CA THR C 216 -12.28 -32.21 -12.21
C THR C 216 -13.57 -31.75 -12.86
N LYS C 217 -14.63 -32.57 -12.78
CA LYS C 217 -15.96 -32.22 -13.27
C LYS C 217 -15.92 -31.92 -14.76
N VAL C 218 -15.83 -32.96 -15.59
CA VAL C 218 -15.69 -32.94 -17.04
C VAL C 218 -16.62 -31.94 -17.75
N ASP C 219 -17.72 -31.55 -17.09
CA ASP C 219 -18.70 -30.56 -17.54
C ASP C 219 -19.62 -31.09 -18.64
N LYS C 220 -19.86 -32.39 -18.66
CA LYS C 220 -20.99 -32.99 -19.40
C LYS C 220 -21.00 -32.62 -20.87
N LYS C 221 -19.81 -32.35 -21.43
CA LYS C 221 -19.64 -31.87 -22.81
C LYS C 221 -20.35 -30.54 -23.05
N VAL C 222 -20.68 -29.81 -21.98
CA VAL C 222 -21.23 -28.46 -21.91
C VAL C 222 -22.43 -28.17 -22.83
N GLU C 223 -22.71 -29.07 -23.80
CA GLU C 223 -23.90 -29.05 -24.64
C GLU C 223 -24.11 -27.72 -25.34
N PRO C 224 -23.32 -27.38 -26.37
CA PRO C 224 -23.52 -26.12 -27.09
C PRO C 224 -24.83 -26.04 -27.86
N LYS C 225 -25.63 -27.10 -27.90
CA LYS C 225 -26.92 -27.04 -28.57
C LYS C 225 -27.90 -26.16 -27.79
N SER C 226 -28.95 -25.72 -28.48
CA SER C 226 -29.98 -24.85 -27.91
C SER C 226 -31.34 -25.44 -28.24
N CYS C 227 -31.86 -26.28 -27.34
CA CYS C 227 -33.18 -26.91 -27.47
C CYS C 227 -33.32 -27.71 -28.76
#